data_8Z9U
#
_entry.id   8Z9U
#
_cell.length_a   77.716
_cell.length_b   83.214
_cell.length_c   132.474
_cell.angle_alpha   90.000
_cell.angle_beta   90.000
_cell.angle_gamma   90.000
#
_symmetry.space_group_name_H-M   'P 21 21 21'
#
loop_
_entity.id
_entity.type
_entity.pdbx_description
1 polymer 'Tetrahydromethanopterin S-methyltransferase subunit H'
2 water water
#
_entity_poly.entity_id   1
_entity_poly.type   'polypeptide(L)'
_entity_poly.pdbx_seq_one_letter_code
;MFRFGNQKAFEIGKVNIGGEPGDNPTVLIGSIFYGKHKIVEDEKKGIFDKEKAEKLIKEQEELSDKTGNPGLVDVVGMSE
EAIRGYMEFVADVTDKPFLVDSAIADIKIAAVEYAKEVGLEKRIIYNSISPESKDKEIEALKNSNIEAAVVLAYTFNVTS
SKARIDALEKVLPKLEEAGITKPLIDTFVMDVPSLPAAAKAAMEIKKKYGFPCGSGAHNAIASWKGFKNMLGKEAEKPAV
LMANTLQIVLGSDFVLYGPIEDSKLVFPAVFTIDTAYRYFARTKDLIEIMGWSHPQFEKGGGSGGGSGGSSAWSHPQFEK
DYKDDDDKDYKDDDDKDYKDDDDK
;
_entity_poly.pdbx_strand_id   B,A
#
# COMPACT_ATOMS: atom_id res chain seq x y z
N ARG A 3 1.73 13.04 16.59
CA ARG A 3 2.29 12.61 17.88
C ARG A 3 1.64 13.33 19.06
N PHE A 4 1.46 12.58 20.19
CA PHE A 4 0.86 12.90 21.49
C PHE A 4 1.89 12.86 22.61
N GLY A 5 2.82 11.90 22.59
CA GLY A 5 3.77 11.69 23.66
C GLY A 5 3.53 10.50 24.59
N ASN A 6 2.62 9.59 24.26
CA ASN A 6 2.29 8.44 25.09
C ASN A 6 2.75 7.11 24.52
N GLN A 7 3.38 7.09 23.34
CA GLN A 7 3.76 5.82 22.74
C GLN A 7 5.05 5.29 23.34
N LYS A 8 5.08 3.97 23.54
CA LYS A 8 6.26 3.29 24.06
C LYS A 8 7.09 2.82 22.87
N ALA A 9 8.33 3.27 22.81
CA ALA A 9 9.29 2.75 21.85
C ALA A 9 10.20 1.79 22.61
N PHE A 10 10.08 0.50 22.30
CA PHE A 10 10.86 -0.50 22.99
C PHE A 10 12.15 -0.77 22.24
N GLU A 11 13.20 -1.00 22.99
CA GLU A 11 14.51 -1.29 22.46
C GLU A 11 14.78 -2.77 22.77
N ILE A 12 14.91 -3.58 21.72
CA ILE A 12 15.13 -5.02 21.86
C ILE A 12 16.38 -5.39 21.08
N GLY A 13 17.39 -5.89 21.78
CA GLY A 13 18.63 -6.20 21.06
C GLY A 13 19.16 -5.01 20.28
N LYS A 14 19.02 -3.81 20.84
CA LYS A 14 19.45 -2.54 20.26
C LYS A 14 18.63 -2.15 19.03
N VAL A 15 17.53 -2.84 18.76
CA VAL A 15 16.59 -2.44 17.71
C VAL A 15 15.43 -1.71 18.35
N ASN A 16 15.03 -0.58 17.77
CA ASN A 16 13.92 0.18 18.31
C ASN A 16 12.65 -0.23 17.57
N ILE A 17 11.58 -0.45 18.32
CA ILE A 17 10.28 -0.79 17.72
C ILE A 17 9.20 0.05 18.37
N GLY A 18 8.40 0.72 17.54
CA GLY A 18 7.31 1.55 18.01
C GLY A 18 7.72 3.01 18.16
N GLY A 19 6.78 3.79 18.67
CA GLY A 19 6.91 5.19 18.99
C GLY A 19 5.76 5.98 18.41
N GLU A 20 5.90 7.31 18.39
CA GLU A 20 4.84 8.13 17.84
C GLU A 20 4.73 7.91 16.34
N PRO A 21 3.53 7.92 15.77
CA PRO A 21 3.36 7.59 14.34
C PRO A 21 4.15 8.54 13.45
N GLY A 22 4.98 7.96 12.56
CA GLY A 22 5.84 8.73 11.69
C GLY A 22 7.24 8.99 12.23
N ASP A 23 7.46 8.89 13.55
CA ASP A 23 8.79 9.16 14.09
C ASP A 23 9.83 8.17 13.57
N ASN A 24 9.57 6.88 13.77
CA ASN A 24 10.63 5.88 13.65
C ASN A 24 10.27 4.84 12.58
N PRO A 25 11.27 4.23 11.95
CA PRO A 25 10.98 3.27 10.88
C PRO A 25 10.17 2.07 11.37
N THR A 26 9.29 1.61 10.49
CA THR A 26 8.58 0.35 10.68
C THR A 26 9.58 -0.81 10.78
N VAL A 27 9.32 -1.72 11.72
CA VAL A 27 10.12 -2.94 11.85
C VAL A 27 9.50 -4.02 10.98
N LEU A 28 10.32 -4.68 10.16
CA LEU A 28 9.83 -5.65 9.18
C LEU A 28 10.38 -7.01 9.53
N ILE A 29 9.49 -8.00 9.65
CA ILE A 29 9.84 -9.30 10.19
C ILE A 29 9.45 -10.37 9.18
N GLY A 30 10.45 -11.08 8.65
CA GLY A 30 10.25 -12.11 7.63
C GLY A 30 10.47 -13.49 8.21
N SER A 31 9.62 -14.43 7.82
CA SER A 31 9.66 -15.77 8.37
C SER A 31 10.61 -16.66 7.56
N ILE A 32 11.30 -17.55 8.26
CA ILE A 32 12.24 -18.49 7.66
C ILE A 32 12.02 -19.86 8.28
N PHE A 33 12.16 -20.92 7.47
CA PHE A 33 11.89 -22.28 7.90
C PHE A 33 10.41 -22.50 8.19
N TYR A 34 9.54 -21.69 7.59
CA TYR A 34 8.11 -21.89 7.68
C TYR A 34 7.72 -23.21 7.02
N GLY A 35 6.46 -23.61 7.25
CA GLY A 35 5.91 -24.81 6.63
C GLY A 35 6.16 -24.87 5.14
N LYS A 36 6.73 -25.99 4.68
CA LYS A 36 6.98 -26.24 3.26
C LYS A 36 8.00 -25.28 2.65
N HIS A 37 8.78 -24.58 3.47
CA HIS A 37 9.86 -23.77 2.94
C HIS A 37 10.81 -24.65 2.14
N LYS A 38 11.07 -24.27 0.89
CA LYS A 38 11.79 -25.17 -0.01
C LYS A 38 13.27 -25.30 0.32
N ILE A 39 13.83 -24.43 1.15
CA ILE A 39 15.21 -24.60 1.59
C ILE A 39 15.34 -25.61 2.72
N VAL A 40 14.23 -26.12 3.25
CA VAL A 40 14.27 -27.12 4.32
C VAL A 40 14.12 -28.51 3.70
N GLU A 41 15.11 -29.37 3.97
CA GLU A 41 15.08 -30.74 3.47
C GLU A 41 14.33 -31.67 4.42
N ASP A 42 14.45 -31.44 5.73
CA ASP A 42 13.77 -32.28 6.72
C ASP A 42 13.34 -31.36 7.86
N GLU A 43 12.03 -31.11 7.99
CA GLU A 43 11.54 -30.18 8.98
C GLU A 43 11.63 -30.73 10.39
N LYS A 44 11.59 -32.06 10.55
CA LYS A 44 11.65 -32.66 11.88
C LYS A 44 13.07 -32.59 12.44
N LYS A 45 14.07 -32.93 11.63
CA LYS A 45 15.45 -32.83 12.04
C LYS A 45 16.02 -31.43 11.89
N GLY A 46 15.32 -30.52 11.20
CA GLY A 46 15.86 -29.21 10.97
C GLY A 46 17.04 -29.18 10.03
N ILE A 47 17.01 -30.00 8.98
CA ILE A 47 18.07 -30.00 7.97
C ILE A 47 17.68 -29.05 6.85
N PHE A 48 18.61 -28.17 6.48
CA PHE A 48 18.28 -27.09 5.56
C PHE A 48 19.54 -26.61 4.83
N ASP A 49 19.30 -25.95 3.70
CA ASP A 49 20.37 -25.39 2.88
C ASP A 49 20.92 -24.16 3.58
N LYS A 50 22.08 -24.30 4.22
CA LYS A 50 22.64 -23.22 5.04
C LYS A 50 23.03 -22.02 4.19
N GLU A 51 23.54 -22.27 2.99
CA GLU A 51 23.95 -21.17 2.13
C GLU A 51 22.76 -20.33 1.71
N LYS A 52 21.66 -20.98 1.30
CA LYS A 52 20.49 -20.24 0.87
C LYS A 52 19.83 -19.54 2.05
N ALA A 53 19.84 -20.17 3.24
CA ALA A 53 19.28 -19.53 4.42
C ALA A 53 20.09 -18.30 4.81
N GLU A 54 21.41 -18.43 4.84
CA GLU A 54 22.25 -17.26 5.14
C GLU A 54 21.98 -16.12 4.16
N LYS A 55 21.86 -16.45 2.86
CA LYS A 55 21.63 -15.43 1.84
C LYS A 55 20.32 -14.70 2.08
N LEU A 56 19.25 -15.43 2.39
CA LEU A 56 17.96 -14.81 2.66
C LEU A 56 18.07 -13.80 3.80
N ILE A 57 18.76 -14.20 4.89
CA ILE A 57 18.91 -13.33 6.05
C ILE A 57 19.75 -12.12 5.70
N LYS A 58 20.86 -12.32 5.00
CA LYS A 58 21.72 -11.20 4.64
C LYS A 58 21.07 -10.28 3.61
N GLU A 59 20.26 -10.82 2.69
CA GLU A 59 19.58 -9.95 1.74
C GLU A 59 18.59 -9.02 2.43
N GLN A 60 17.84 -9.53 3.42
CA GLN A 60 16.98 -8.66 4.20
C GLN A 60 17.79 -7.63 4.96
N GLU A 61 18.95 -8.01 5.50
CA GLU A 61 19.70 -7.01 6.25
C GLU A 61 20.33 -5.95 5.36
N GLU A 62 20.69 -6.28 4.11
CA GLU A 62 21.15 -5.25 3.19
C GLU A 62 20.05 -4.24 2.90
N LEU A 63 18.83 -4.73 2.70
CA LEU A 63 17.67 -3.85 2.53
C LEU A 63 17.48 -2.99 3.76
N SER A 64 17.59 -3.60 4.96
CA SER A 64 17.46 -2.87 6.20
C SER A 64 18.53 -1.79 6.36
N ASP A 65 19.78 -2.11 6.00
CA ASP A 65 20.85 -1.12 6.12
C ASP A 65 20.63 0.05 5.16
N LYS A 66 19.98 -0.19 4.02
CA LYS A 66 19.75 0.88 3.06
C LYS A 66 18.55 1.74 3.45
N THR A 67 17.45 1.11 3.82
CA THR A 67 16.22 1.86 4.11
C THR A 67 16.15 2.38 5.53
N GLY A 68 16.92 1.81 6.46
CA GLY A 68 16.74 2.11 7.86
C GLY A 68 15.62 1.35 8.53
N ASN A 69 14.86 0.54 7.81
CA ASN A 69 13.83 -0.29 8.43
C ASN A 69 14.49 -1.48 9.08
N PRO A 70 14.41 -1.66 10.39
CA PRO A 70 15.00 -2.87 10.99
C PRO A 70 14.34 -4.10 10.40
N GLY A 71 15.19 -5.03 9.95
CA GLY A 71 14.76 -6.29 9.38
C GLY A 71 15.06 -7.43 10.33
N LEU A 72 14.02 -8.10 10.85
CA LEU A 72 14.23 -9.18 11.80
C LEU A 72 13.74 -10.49 11.20
N VAL A 73 14.31 -11.59 11.71
CA VAL A 73 13.95 -12.94 11.30
C VAL A 73 12.90 -13.50 12.25
N ASP A 74 11.89 -14.17 11.71
CA ASP A 74 10.94 -14.94 12.48
C ASP A 74 11.26 -16.42 12.26
N VAL A 75 11.84 -17.05 13.26
CA VAL A 75 12.36 -18.41 13.16
C VAL A 75 11.22 -19.38 13.47
N VAL A 76 10.74 -20.11 12.43
CA VAL A 76 9.64 -21.06 12.58
C VAL A 76 10.20 -22.45 12.83
N GLY A 77 9.60 -23.14 13.79
CA GLY A 77 10.03 -24.50 14.12
C GLY A 77 8.86 -25.47 14.11
N MET A 78 9.11 -26.66 13.57
CA MET A 78 8.10 -27.71 13.55
C MET A 78 8.46 -28.86 14.48
N SER A 79 9.63 -28.80 15.11
CA SER A 79 10.01 -29.70 16.19
C SER A 79 10.92 -28.95 17.14
N GLU A 80 11.05 -29.48 18.35
CA GLU A 80 11.91 -28.85 19.35
C GLU A 80 13.37 -28.89 18.91
N GLU A 81 13.82 -30.02 18.35
CA GLU A 81 15.20 -30.12 17.94
C GLU A 81 15.50 -29.20 16.76
N ALA A 82 14.55 -29.09 15.81
CA ALA A 82 14.75 -28.22 14.66
C ALA A 82 14.89 -26.76 15.08
N ILE A 83 14.03 -26.30 16.00
CA ILE A 83 14.06 -24.88 16.33
C ILE A 83 15.32 -24.53 17.11
N ARG A 84 15.87 -25.46 17.91
CA ARG A 84 17.14 -25.18 18.56
C ARG A 84 18.23 -24.94 17.53
N GLY A 85 18.29 -25.80 16.52
CA GLY A 85 19.31 -25.65 15.49
C GLY A 85 19.09 -24.42 14.64
N TYR A 86 17.82 -24.07 14.38
CA TYR A 86 17.54 -22.84 13.65
C TYR A 86 17.99 -21.61 14.43
N MET A 87 17.71 -21.58 15.74
CA MET A 87 18.14 -20.45 16.56
C MET A 87 19.66 -20.32 16.56
N GLU A 88 20.36 -21.46 16.63
CA GLU A 88 21.81 -21.40 16.70
C GLU A 88 22.38 -20.90 15.38
N PHE A 89 21.75 -21.29 14.27
CA PHE A 89 22.16 -20.79 12.96
C PHE A 89 21.88 -19.30 12.82
N VAL A 90 20.65 -18.87 13.10
CA VAL A 90 20.31 -17.45 12.94
C VAL A 90 21.19 -16.60 13.86
N ALA A 91 21.37 -17.03 15.12
CA ALA A 91 22.20 -16.28 16.05
C ALA A 91 23.64 -16.18 15.57
N ASP A 92 24.09 -17.14 14.78
CA ASP A 92 25.45 -17.13 14.26
C ASP A 92 25.59 -16.21 13.06
N VAL A 93 24.51 -15.97 12.34
CA VAL A 93 24.54 -15.23 11.10
C VAL A 93 24.26 -13.74 11.33
N THR A 94 23.53 -13.40 12.38
CA THR A 94 23.25 -12.00 12.68
C THR A 94 23.30 -11.75 14.17
N ASP A 95 23.61 -10.49 14.54
CA ASP A 95 23.51 -10.02 15.92
C ASP A 95 22.16 -9.40 16.24
N LYS A 96 21.27 -9.29 15.25
CA LYS A 96 19.96 -8.68 15.46
C LYS A 96 19.09 -9.56 16.35
N PRO A 97 18.13 -8.98 17.07
CA PRO A 97 17.14 -9.81 17.76
C PRO A 97 16.32 -10.58 16.73
N PHE A 98 15.68 -11.67 17.19
CA PHE A 98 14.85 -12.44 16.29
C PHE A 98 13.71 -13.09 17.08
N LEU A 99 12.68 -13.47 16.34
CA LEU A 99 11.48 -14.07 16.91
C LEU A 99 11.58 -15.59 16.82
N VAL A 100 10.99 -16.26 17.81
CA VAL A 100 10.84 -17.70 17.80
C VAL A 100 9.36 -18.01 17.68
N ASP A 101 8.99 -18.84 16.72
CA ASP A 101 7.61 -18.93 16.26
C ASP A 101 7.26 -20.40 16.09
N SER A 102 6.21 -20.86 16.78
CA SER A 102 5.63 -22.15 16.45
C SER A 102 4.18 -22.18 16.92
N ALA A 103 3.35 -22.93 16.19
CA ALA A 103 2.00 -23.19 16.65
C ALA A 103 1.97 -24.08 17.89
N ILE A 104 3.03 -24.84 18.14
CA ILE A 104 3.06 -25.80 19.24
C ILE A 104 3.73 -25.14 20.44
N ALA A 105 3.02 -25.15 21.58
CA ALA A 105 3.55 -24.53 22.79
C ALA A 105 4.90 -25.12 23.19
N ASP A 106 5.02 -26.46 23.20
CA ASP A 106 6.27 -27.11 23.60
C ASP A 106 7.46 -26.66 22.75
N ILE A 107 7.22 -26.34 21.48
CA ILE A 107 8.32 -25.92 20.62
C ILE A 107 8.77 -24.51 20.99
N LYS A 108 7.83 -23.62 21.29
CA LYS A 108 8.22 -22.30 21.77
C LYS A 108 8.91 -22.38 23.12
N ILE A 109 8.45 -23.28 24.01
CA ILE A 109 9.10 -23.44 25.31
C ILE A 109 10.52 -23.95 25.13
N ALA A 110 10.73 -24.86 24.19
CA ALA A 110 12.09 -25.35 23.94
C ALA A 110 12.98 -24.24 23.43
N ALA A 111 12.42 -23.33 22.63
CA ALA A 111 13.18 -22.16 22.18
C ALA A 111 13.61 -21.31 23.37
N VAL A 112 12.70 -21.09 24.32
CA VAL A 112 13.04 -20.35 25.54
C VAL A 112 14.16 -21.05 26.29
N GLU A 113 14.04 -22.37 26.47
CA GLU A 113 15.05 -23.11 27.22
C GLU A 113 16.41 -23.02 26.55
N TYR A 114 16.45 -23.13 25.22
CA TYR A 114 17.70 -22.96 24.48
C TYR A 114 18.29 -21.57 24.68
N ALA A 115 17.45 -20.54 24.55
CA ALA A 115 17.93 -19.16 24.74
C ALA A 115 18.60 -18.99 26.10
N LYS A 116 18.00 -19.56 27.16
CA LYS A 116 18.58 -19.49 28.50
C LYS A 116 19.92 -20.20 28.53
N GLU A 117 20.02 -21.27 27.75
CA GLU A 117 21.17 -22.15 27.80
C GLU A 117 22.41 -21.49 27.18
N VAL A 118 22.22 -20.70 26.12
CA VAL A 118 23.34 -20.08 25.42
C VAL A 118 23.35 -18.56 25.58
N GLY A 119 22.46 -18.00 26.39
CA GLY A 119 22.51 -16.59 26.69
C GLY A 119 21.89 -15.66 25.67
N LEU A 120 20.81 -16.10 25.00
CA LEU A 120 20.17 -15.30 23.96
C LEU A 120 18.94 -14.54 24.44
N GLU A 121 18.65 -14.54 25.75
CA GLU A 121 17.34 -14.11 26.24
C GLU A 121 17.03 -12.66 25.86
N LYS A 122 18.03 -11.78 25.89
CA LYS A 122 17.79 -10.37 25.55
C LYS A 122 17.61 -10.14 24.06
N ARG A 123 17.90 -11.14 23.23
CA ARG A 123 17.73 -11.03 21.79
C ARG A 123 16.52 -11.77 21.26
N ILE A 124 15.75 -12.45 22.11
CA ILE A 124 14.66 -13.32 21.67
C ILE A 124 13.34 -12.61 21.85
N ILE A 125 12.44 -12.77 20.87
CA ILE A 125 11.06 -12.30 20.98
C ILE A 125 10.15 -13.52 20.81
N TYR A 126 9.34 -13.79 21.84
CA TYR A 126 8.48 -14.98 21.85
C TYR A 126 7.25 -14.70 20.99
N ASN A 127 7.03 -15.50 19.94
CA ASN A 127 5.94 -15.24 18.98
C ASN A 127 5.05 -16.48 18.92
N SER A 128 3.91 -16.46 19.63
CA SER A 128 3.28 -15.37 20.38
C SER A 128 2.60 -15.88 21.64
N ILE A 129 2.23 -14.94 22.50
CA ILE A 129 1.34 -15.18 23.63
C ILE A 129 -0.06 -14.75 23.20
N SER A 130 -1.06 -15.56 23.51
CA SER A 130 -2.42 -15.22 23.13
C SER A 130 -3.33 -15.48 24.33
N PRO A 131 -4.62 -15.13 24.26
CA PRO A 131 -5.54 -15.54 25.34
C PRO A 131 -5.58 -17.04 25.56
N GLU A 132 -5.11 -17.84 24.59
CA GLU A 132 -5.15 -19.29 24.65
C GLU A 132 -3.82 -19.91 25.09
N SER A 133 -2.80 -19.10 25.33
CA SER A 133 -1.50 -19.62 25.78
C SER A 133 -1.66 -20.52 27.00
N LYS A 134 -0.88 -21.60 27.02
CA LYS A 134 -0.85 -22.53 28.15
C LYS A 134 -0.10 -21.91 29.31
N ASP A 135 -0.49 -22.30 30.53
CA ASP A 135 0.24 -21.83 31.70
C ASP A 135 1.71 -22.19 31.63
N LYS A 136 2.03 -23.37 31.07
CA LYS A 136 3.43 -23.76 30.93
C LYS A 136 4.24 -22.78 30.08
N GLU A 137 3.59 -22.12 29.10
CA GLU A 137 4.30 -21.07 28.35
C GLU A 137 4.63 -19.90 29.25
N ILE A 138 3.65 -19.46 30.05
CA ILE A 138 3.87 -18.33 30.94
C ILE A 138 4.92 -18.67 31.99
N GLU A 139 4.89 -19.91 32.52
CA GLU A 139 5.89 -20.36 33.49
C GLU A 139 7.29 -20.34 32.89
N ALA A 140 7.44 -20.86 31.66
CA ALA A 140 8.74 -20.88 31.02
C ALA A 140 9.30 -19.47 30.86
N LEU A 141 8.45 -18.54 30.41
CA LEU A 141 8.88 -17.14 30.27
C LEU A 141 9.20 -16.53 31.62
N LYS A 142 8.36 -16.79 32.62
CA LYS A 142 8.61 -16.29 33.97
C LYS A 142 9.99 -16.73 34.46
N ASN A 143 10.36 -17.98 34.18
CA ASN A 143 11.66 -18.50 34.59
C ASN A 143 12.75 -18.20 33.57
N SER A 144 12.72 -17.00 33.00
CA SER A 144 13.71 -16.60 32.01
C SER A 144 13.85 -15.09 32.09
N ASN A 145 14.91 -14.59 31.46
CA ASN A 145 15.13 -13.16 31.33
C ASN A 145 14.64 -12.62 29.99
N ILE A 146 13.82 -13.39 29.27
CA ILE A 146 13.19 -12.89 28.04
C ILE A 146 12.19 -11.81 28.40
N GLU A 147 12.30 -10.64 27.76
CA GLU A 147 11.46 -9.50 28.08
C GLU A 147 10.45 -9.15 27.02
N ALA A 148 10.61 -9.67 25.80
CA ALA A 148 9.82 -9.24 24.65
C ALA A 148 9.01 -10.41 24.12
N ALA A 149 7.76 -10.14 23.76
CA ALA A 149 6.90 -11.14 23.15
C ALA A 149 5.91 -10.46 22.22
N VAL A 150 5.57 -11.13 21.12
CA VAL A 150 4.41 -10.74 20.35
C VAL A 150 3.17 -11.21 21.11
N VAL A 151 2.19 -10.33 21.21
CA VAL A 151 0.88 -10.67 21.78
C VAL A 151 -0.10 -10.76 20.62
N LEU A 152 -0.72 -11.92 20.46
CA LEU A 152 -1.71 -12.08 19.39
C LEU A 152 -3.10 -11.79 19.97
N ALA A 153 -3.75 -10.74 19.45
CA ALA A 153 -5.09 -10.34 19.91
C ALA A 153 -6.14 -11.21 19.22
N TYR A 154 -6.00 -12.51 19.44
CA TYR A 154 -6.81 -13.53 18.77
C TYR A 154 -8.27 -13.47 19.23
N THR A 155 -9.19 -13.59 18.28
CA THR A 155 -10.61 -13.63 18.59
C THR A 155 -11.36 -14.32 17.47
N PHE A 156 -12.43 -15.03 17.83
CA PHE A 156 -13.30 -15.62 16.80
C PHE A 156 -14.09 -14.56 16.04
N ASN A 157 -14.31 -13.39 16.65
CA ASN A 157 -15.06 -12.27 16.06
C ASN A 157 -14.16 -11.39 15.20
N VAL A 158 -13.96 -11.82 13.95
CA VAL A 158 -12.88 -11.25 13.16
C VAL A 158 -13.14 -9.83 12.65
N THR A 159 -14.38 -9.38 12.60
CA THR A 159 -14.65 -8.01 12.17
C THR A 159 -14.68 -7.02 13.33
N SER A 160 -14.48 -7.47 14.57
CA SER A 160 -14.61 -6.62 15.75
C SER A 160 -13.25 -6.13 16.21
N SER A 161 -13.10 -4.80 16.32
CA SER A 161 -11.88 -4.28 16.91
C SER A 161 -11.95 -4.30 18.43
N LYS A 162 -13.14 -4.07 19.02
CA LYS A 162 -13.28 -4.18 20.46
C LYS A 162 -12.90 -5.57 20.95
N ALA A 163 -13.23 -6.61 20.17
CA ALA A 163 -12.88 -7.97 20.56
C ALA A 163 -11.37 -8.17 20.61
N ARG A 164 -10.62 -7.50 19.72
CA ARG A 164 -9.16 -7.60 19.79
C ARG A 164 -8.61 -6.89 21.02
N ILE A 165 -9.17 -5.73 21.37
CA ILE A 165 -8.77 -5.05 22.59
C ILE A 165 -9.06 -5.92 23.80
N ASP A 166 -10.23 -6.58 23.80
CA ASP A 166 -10.59 -7.49 24.87
C ASP A 166 -9.59 -8.63 24.99
N ALA A 167 -9.18 -9.19 23.85
CA ALA A 167 -8.19 -10.26 23.85
C ALA A 167 -6.86 -9.79 24.41
N LEU A 168 -6.42 -8.59 24.03
CA LEU A 168 -5.20 -8.04 24.63
C LEU A 168 -5.34 -7.94 26.13
N GLU A 169 -6.49 -7.48 26.62
CA GLU A 169 -6.60 -7.26 28.06
C GLU A 169 -6.67 -8.58 28.82
N LYS A 170 -7.14 -9.65 28.17
CA LYS A 170 -7.03 -10.99 28.77
C LYS A 170 -5.58 -11.42 28.91
N VAL A 171 -4.70 -10.91 28.03
CA VAL A 171 -3.31 -11.34 28.03
C VAL A 171 -2.46 -10.51 29.01
N LEU A 172 -2.82 -9.26 29.27
CA LEU A 172 -2.05 -8.38 30.15
C LEU A 172 -1.61 -9.03 31.46
N PRO A 173 -2.46 -9.71 32.23
CA PRO A 173 -1.95 -10.35 33.44
C PRO A 173 -1.00 -11.51 33.16
N LYS A 174 -1.13 -12.19 32.01
CA LYS A 174 -0.13 -13.20 31.65
C LYS A 174 1.24 -12.56 31.43
N LEU A 175 1.25 -11.37 30.80
CA LEU A 175 2.50 -10.63 30.59
C LEU A 175 3.16 -10.28 31.92
N GLU A 176 2.36 -9.83 32.89
CA GLU A 176 2.94 -9.48 34.18
C GLU A 176 3.52 -10.71 34.87
N GLU A 177 2.79 -11.83 34.84
CA GLU A 177 3.30 -13.05 35.47
C GLU A 177 4.54 -13.55 34.76
N ALA A 178 4.60 -13.42 33.44
CA ALA A 178 5.75 -13.88 32.67
C ALA A 178 6.93 -12.90 32.74
N GLY A 179 6.72 -11.70 33.25
CA GLY A 179 7.76 -10.68 33.20
C GLY A 179 8.02 -10.14 31.82
N ILE A 180 7.02 -10.09 30.95
CA ILE A 180 7.16 -9.49 29.63
C ILE A 180 6.94 -7.99 29.77
N THR A 181 8.02 -7.20 29.64
CA THR A 181 7.94 -5.75 29.74
C THR A 181 7.89 -5.06 28.40
N LYS A 182 8.10 -5.79 27.30
CA LYS A 182 8.16 -5.23 25.95
C LYS A 182 7.22 -6.01 25.04
N PRO A 183 5.91 -5.88 25.24
CA PRO A 183 4.94 -6.57 24.38
C PRO A 183 4.75 -5.85 23.06
N LEU A 184 4.64 -6.64 21.99
CA LEU A 184 4.42 -6.15 20.64
C LEU A 184 3.09 -6.74 20.18
N ILE A 185 2.10 -5.89 19.91
CA ILE A 185 0.73 -6.39 19.76
C ILE A 185 0.44 -6.69 18.29
N ASP A 186 0.31 -7.97 17.98
CA ASP A 186 -0.21 -8.41 16.70
C ASP A 186 -1.73 -8.35 16.78
N THR A 187 -2.31 -7.34 16.13
CA THR A 187 -3.74 -7.12 16.28
C THR A 187 -4.57 -8.01 15.37
N PHE A 188 -3.94 -9.00 14.73
CA PHE A 188 -4.56 -10.24 14.25
C PHE A 188 -5.40 -10.03 13.00
N VAL A 189 -4.77 -10.21 11.85
CA VAL A 189 -5.47 -10.22 10.58
C VAL A 189 -5.79 -11.68 10.28
N MET A 190 -7.07 -11.96 10.03
CA MET A 190 -7.49 -13.30 9.64
C MET A 190 -7.73 -13.35 8.13
N ASP A 191 -8.77 -12.65 7.69
CA ASP A 191 -9.14 -12.59 6.28
C ASP A 191 -9.10 -11.15 5.81
N VAL A 192 -9.39 -10.95 4.52
CA VAL A 192 -9.35 -9.60 3.96
C VAL A 192 -10.32 -8.66 4.67
N PRO A 193 -11.58 -9.04 4.95
CA PRO A 193 -12.47 -8.12 5.66
C PRO A 193 -12.03 -7.78 7.06
N SER A 194 -11.10 -8.53 7.67
CA SER A 194 -10.62 -8.18 9.00
C SER A 194 -9.53 -7.11 8.97
N LEU A 195 -9.01 -6.76 7.79
CA LEU A 195 -7.92 -5.79 7.73
C LEU A 195 -8.25 -4.48 8.42
N PRO A 196 -9.43 -3.87 8.20
CA PRO A 196 -9.73 -2.62 8.92
C PRO A 196 -9.96 -2.80 10.40
N ALA A 197 -10.51 -3.95 10.83
CA ALA A 197 -10.70 -4.20 12.26
C ALA A 197 -9.37 -4.28 12.98
N ALA A 198 -8.40 -5.00 12.39
CA ALA A 198 -7.08 -5.10 13.01
C ALA A 198 -6.42 -3.73 13.09
N ALA A 199 -6.61 -2.90 12.05
CA ALA A 199 -5.97 -1.60 12.02
C ALA A 199 -6.60 -0.66 13.05
N LYS A 200 -7.94 -0.70 13.16
CA LYS A 200 -8.64 0.10 14.15
C LYS A 200 -8.30 -0.35 15.57
N ALA A 201 -8.19 -1.66 15.79
CA ALA A 201 -7.74 -2.17 17.09
C ALA A 201 -6.36 -1.62 17.43
N ALA A 202 -5.44 -1.62 16.47
CA ALA A 202 -4.10 -1.07 16.71
C ALA A 202 -4.18 0.40 17.09
N MET A 203 -4.99 1.18 16.37
CA MET A 203 -5.19 2.58 16.73
C MET A 203 -5.66 2.73 18.17
N GLU A 204 -6.68 1.96 18.57
CA GLU A 204 -7.20 2.07 19.93
C GLU A 204 -6.17 1.64 20.97
N ILE A 205 -5.41 0.59 20.67
CA ILE A 205 -4.41 0.12 21.62
C ILE A 205 -3.28 1.14 21.76
N LYS A 206 -2.85 1.75 20.65
CA LYS A 206 -1.80 2.77 20.75
C LYS A 206 -2.28 3.96 21.59
N LYS A 207 -3.54 4.38 21.40
CA LYS A 207 -4.11 5.44 22.23
C LYS A 207 -4.16 5.06 23.71
N LYS A 208 -4.60 3.84 24.02
CA LYS A 208 -4.88 3.49 25.41
C LYS A 208 -3.61 3.07 26.15
N TYR A 209 -2.83 2.18 25.53
CA TYR A 209 -1.59 1.66 26.08
C TYR A 209 -0.46 2.22 25.22
N GLY A 210 0.76 2.23 25.71
CA GLY A 210 1.59 2.79 24.65
C GLY A 210 2.10 1.85 23.56
N PHE A 211 1.59 0.62 23.48
CA PHE A 211 2.37 -0.50 22.93
C PHE A 211 2.59 -0.40 21.42
N PRO A 212 3.76 -0.81 20.92
CA PRO A 212 3.91 -1.00 19.47
C PRO A 212 2.92 -2.04 18.97
N CYS A 213 2.33 -1.76 17.80
CA CYS A 213 1.29 -2.60 17.23
C CYS A 213 1.66 -2.97 15.80
N GLY A 214 1.07 -4.06 15.33
CA GLY A 214 1.33 -4.51 13.98
C GLY A 214 0.47 -5.71 13.68
N SER A 215 0.72 -6.31 12.52
CA SER A 215 0.06 -7.54 12.10
C SER A 215 0.80 -8.08 10.88
N GLY A 216 0.24 -9.10 10.27
CA GLY A 216 0.70 -9.52 8.97
C GLY A 216 -0.50 -10.13 8.28
N ALA A 217 -0.47 -10.17 6.97
CA ALA A 217 -1.68 -10.64 6.37
C ALA A 217 -1.50 -11.82 5.45
N HIS A 218 -0.28 -12.38 5.39
CA HIS A 218 0.04 -13.42 4.41
C HIS A 218 -1.05 -14.47 4.31
N ASN A 219 -1.68 -14.85 5.43
CA ASN A 219 -2.77 -15.83 5.37
C ASN A 219 -4.06 -15.27 4.75
N ALA A 220 -4.28 -13.97 4.83
CA ALA A 220 -5.54 -13.39 4.33
C ALA A 220 -5.69 -13.60 2.82
N ILE A 221 -4.60 -13.54 2.08
CA ILE A 221 -4.69 -13.74 0.63
C ILE A 221 -4.70 -15.23 0.28
N ALA A 222 -3.85 -16.01 0.95
CA ALA A 222 -3.79 -17.44 0.70
C ALA A 222 -5.16 -18.09 0.85
N SER A 223 -5.98 -17.57 1.76
CA SER A 223 -7.29 -18.15 2.09
C SER A 223 -8.44 -17.44 1.39
N TRP A 224 -8.18 -16.45 0.54
CA TRP A 224 -9.26 -15.82 -0.20
C TRP A 224 -9.75 -16.84 -1.22
N LYS A 225 -10.91 -17.44 -0.93
CA LYS A 225 -11.54 -18.38 -1.84
C LYS A 225 -11.82 -17.72 -3.18
N GLY A 226 -11.29 -18.33 -4.24
CA GLY A 226 -11.55 -17.86 -5.59
C GLY A 226 -10.57 -16.85 -6.11
N PHE A 227 -9.72 -16.27 -5.26
CA PHE A 227 -8.81 -15.21 -5.72
C PHE A 227 -7.84 -15.74 -6.75
N LYS A 228 -7.11 -16.81 -6.39
CA LYS A 228 -6.12 -17.36 -7.32
C LYS A 228 -6.78 -17.93 -8.58
N ASN A 229 -8.02 -18.41 -8.45
CA ASN A 229 -8.74 -18.89 -9.63
C ASN A 229 -9.05 -17.76 -10.60
N MET A 230 -9.49 -16.60 -10.07
CA MET A 230 -9.85 -15.48 -10.93
C MET A 230 -8.64 -14.79 -11.53
N LEU A 231 -7.71 -14.38 -10.66
CA LEU A 231 -6.51 -13.67 -11.06
C LEU A 231 -5.37 -14.66 -10.99
N GLY A 232 -4.20 -14.28 -11.45
CA GLY A 232 -3.14 -15.26 -11.43
C GLY A 232 -2.62 -15.64 -10.03
N LYS A 233 -1.71 -16.61 -10.01
CA LYS A 233 -0.87 -16.83 -8.82
C LYS A 233 0.05 -15.65 -8.57
N GLU A 234 0.69 -15.16 -9.62
CA GLU A 234 1.45 -13.91 -9.52
C GLU A 234 0.64 -12.80 -8.87
N ALA A 235 -0.66 -12.71 -9.16
CA ALA A 235 -1.48 -11.61 -8.61
C ALA A 235 -1.58 -11.66 -7.08
N GLU A 236 -1.20 -12.75 -6.44
CA GLU A 236 -1.22 -12.78 -4.98
C GLU A 236 -0.22 -11.80 -4.37
N LYS A 237 0.90 -11.55 -5.06
CA LYS A 237 1.96 -10.71 -4.50
C LYS A 237 1.52 -9.26 -4.30
N PRO A 238 0.91 -8.56 -5.26
CA PRO A 238 0.43 -7.20 -4.95
C PRO A 238 -0.71 -7.20 -3.94
N ALA A 239 -1.56 -8.24 -3.94
CA ALA A 239 -2.63 -8.32 -2.95
C ALA A 239 -2.05 -8.49 -1.55
N VAL A 240 -1.05 -9.36 -1.41
CA VAL A 240 -0.41 -9.58 -0.12
C VAL A 240 0.30 -8.31 0.33
N LEU A 241 0.91 -7.59 -0.62
CA LEU A 241 1.60 -6.35 -0.27
C LEU A 241 0.64 -5.37 0.40
N MET A 242 -0.58 -5.28 -0.14
CA MET A 242 -1.58 -4.36 0.40
C MET A 242 -1.98 -4.81 1.79
N ALA A 243 -2.28 -6.10 1.92
CA ALA A 243 -2.69 -6.64 3.21
C ALA A 243 -1.59 -6.50 4.26
N ASN A 244 -0.32 -6.50 3.83
CA ASN A 244 0.81 -6.24 4.72
C ASN A 244 1.02 -4.76 5.04
N THR A 245 0.53 -3.83 4.21
CA THR A 245 0.88 -2.42 4.37
C THR A 245 -0.26 -1.52 4.80
N LEU A 246 -1.51 -1.95 4.61
CA LEU A 246 -2.65 -1.11 4.97
C LEU A 246 -2.52 -0.61 6.41
N GLN A 247 -2.12 -1.49 7.33
CA GLN A 247 -2.03 -1.10 8.74
C GLN A 247 -0.89 -0.12 8.99
N ILE A 248 0.17 -0.16 8.17
CA ILE A 248 1.22 0.85 8.30
C ILE A 248 0.72 2.22 7.85
N VAL A 249 -0.02 2.27 6.74
CA VAL A 249 -0.67 3.51 6.32
C VAL A 249 -1.54 4.05 7.44
N LEU A 250 -2.17 3.16 8.21
CA LEU A 250 -3.02 3.58 9.33
C LEU A 250 -2.27 3.60 10.67
N GLY A 251 -0.94 3.70 10.65
CA GLY A 251 -0.19 4.12 11.80
C GLY A 251 0.42 3.05 12.69
N SER A 252 0.51 1.80 12.22
CA SER A 252 1.15 0.77 13.06
C SER A 252 2.67 0.81 12.92
N ASP A 253 3.34 -0.11 13.63
CA ASP A 253 4.76 -0.05 13.95
C ASP A 253 5.59 -1.18 13.38
N PHE A 254 4.97 -2.29 13.01
CA PHE A 254 5.74 -3.45 12.56
C PHE A 254 4.85 -4.30 11.67
N VAL A 255 5.49 -5.09 10.80
CA VAL A 255 4.79 -6.02 9.91
C VAL A 255 5.46 -7.39 10.02
N LEU A 256 4.65 -8.41 10.31
CA LEU A 256 5.04 -9.81 10.19
C LEU A 256 4.68 -10.19 8.77
N TYR A 257 5.58 -9.93 7.83
CA TYR A 257 5.12 -9.87 6.44
C TYR A 257 5.06 -11.23 5.75
N GLY A 258 5.45 -12.31 6.43
CA GLY A 258 5.43 -13.63 5.84
C GLY A 258 6.82 -14.08 5.41
N PRO A 259 6.91 -14.83 4.31
CA PRO A 259 8.18 -15.44 3.92
C PRO A 259 9.27 -14.40 3.65
N ILE A 260 10.46 -14.69 4.16
CA ILE A 260 11.58 -13.76 4.10
C ILE A 260 11.98 -13.49 2.66
N GLU A 261 11.61 -14.38 1.72
CA GLU A 261 11.81 -14.10 0.31
C GLU A 261 11.16 -12.80 -0.13
N ASP A 262 10.11 -12.36 0.56
CA ASP A 262 9.38 -11.18 0.12
C ASP A 262 9.98 -9.87 0.64
N SER A 263 11.17 -9.92 1.25
CA SER A 263 11.77 -8.69 1.77
C SER A 263 11.92 -7.66 0.66
N LYS A 264 12.26 -8.10 -0.55
CA LYS A 264 12.46 -7.16 -1.65
C LYS A 264 11.16 -6.52 -2.13
N LEU A 265 10.01 -7.10 -1.80
CA LEU A 265 8.75 -6.42 -2.09
C LEU A 265 8.33 -5.48 -0.96
N VAL A 266 8.40 -5.95 0.29
CA VAL A 266 7.83 -5.19 1.39
C VAL A 266 8.72 -4.00 1.75
N PHE A 267 10.04 -4.17 1.69
CA PHE A 267 10.91 -3.09 2.17
C PHE A 267 10.76 -1.83 1.33
N PRO A 268 10.76 -1.88 -0.01
CA PRO A 268 10.58 -0.63 -0.76
C PRO A 268 9.24 0.03 -0.50
N ALA A 269 8.17 -0.76 -0.38
CA ALA A 269 6.84 -0.20 -0.15
C ALA A 269 6.79 0.50 1.20
N VAL A 270 7.25 -0.19 2.26
CA VAL A 270 7.14 0.38 3.59
C VAL A 270 8.11 1.56 3.74
N PHE A 271 9.27 1.49 3.08
CA PHE A 271 10.21 2.62 3.10
C PHE A 271 9.53 3.87 2.55
N THR A 272 8.67 3.70 1.54
CA THR A 272 7.97 4.82 0.92
C THR A 272 6.97 5.45 1.89
N ILE A 273 6.17 4.63 2.57
CA ILE A 273 5.23 5.15 3.58
C ILE A 273 5.99 5.84 4.70
N ASP A 274 6.98 5.15 5.29
CA ASP A 274 7.76 5.73 6.38
C ASP A 274 8.38 7.06 5.98
N THR A 275 8.91 7.13 4.76
CA THR A 275 9.56 8.37 4.33
C THR A 275 8.55 9.51 4.21
N ALA A 276 7.40 9.22 3.58
CA ALA A 276 6.32 10.20 3.51
C ALA A 276 5.87 10.63 4.90
N TYR A 277 5.65 9.66 5.80
CA TYR A 277 5.14 10.03 7.12
C TYR A 277 6.18 10.73 7.99
N ARG A 278 7.48 10.50 7.74
CA ARG A 278 8.50 11.23 8.46
C ARG A 278 8.34 12.74 8.27
N TYR A 279 7.98 13.18 7.06
CA TYR A 279 7.74 14.60 6.85
C TYR A 279 6.60 15.13 7.71
N PHE A 280 5.71 14.25 8.14
CA PHE A 280 4.53 14.65 8.90
C PHE A 280 4.59 14.20 10.35
N ALA A 281 5.75 13.73 10.80
CA ALA A 281 5.91 13.29 12.18
C ALA A 281 5.54 14.45 13.11
N ARG A 282 4.88 14.12 14.22
CA ARG A 282 4.43 15.11 15.20
C ARG A 282 3.56 16.21 14.56
N THR A 283 2.74 15.85 13.57
CA THR A 283 1.79 16.82 13.03
C THR A 283 0.37 16.37 13.32
N LYS A 284 -0.47 17.34 13.64
CA LYS A 284 -1.91 17.13 13.69
C LYS A 284 -2.42 16.54 12.38
N ASP A 285 -1.80 16.92 11.25
CA ASP A 285 -2.22 16.44 9.95
C ASP A 285 -2.15 14.91 9.85
N LEU A 286 -1.05 14.31 10.32
CA LEU A 286 -0.92 12.86 10.16
C LEU A 286 -1.97 12.13 10.99
N ILE A 287 -2.25 12.64 12.20
CA ILE A 287 -3.27 12.04 13.06
C ILE A 287 -4.64 12.08 12.38
N GLU A 288 -4.95 13.18 11.69
CA GLU A 288 -6.22 13.28 11.00
C GLU A 288 -6.30 12.30 9.82
N ILE A 289 -5.24 12.25 9.03
CA ILE A 289 -5.12 11.45 7.81
C ILE A 289 -5.42 9.97 8.08
N MET B 1 -18.37 3.12 10.28
CA MET B 1 -17.67 2.66 9.09
C MET B 1 -17.09 3.84 8.30
N PHE B 2 -16.07 3.54 7.49
CA PHE B 2 -15.32 4.54 6.71
C PHE B 2 -16.19 5.07 5.57
N ARG B 3 -17.03 6.06 5.90
CA ARG B 3 -17.89 6.67 4.91
C ARG B 3 -17.87 8.18 5.10
N PHE B 4 -17.88 8.92 3.98
CA PHE B 4 -17.88 10.37 4.04
C PHE B 4 -19.30 10.94 4.09
N GLY B 5 -20.26 10.30 3.43
CA GLY B 5 -21.59 10.84 3.28
C GLY B 5 -21.72 11.81 2.13
N ASN B 6 -22.80 11.70 1.36
CA ASN B 6 -23.17 12.70 0.35
C ASN B 6 -22.11 12.84 -0.75
N GLN B 7 -21.50 11.73 -1.13
CA GLN B 7 -20.48 11.72 -2.17
C GLN B 7 -21.16 11.65 -3.54
N LYS B 8 -20.48 12.19 -4.55
CA LYS B 8 -20.99 12.21 -5.91
C LYS B 8 -20.34 11.10 -6.72
N ALA B 9 -21.16 10.35 -7.44
CA ALA B 9 -20.68 9.35 -8.40
C ALA B 9 -21.09 9.85 -9.77
N PHE B 10 -20.12 10.34 -10.54
CA PHE B 10 -20.40 10.82 -11.88
C PHE B 10 -20.39 9.64 -12.85
N GLU B 11 -21.28 9.67 -13.82
CA GLU B 11 -21.30 8.69 -14.89
C GLU B 11 -20.70 9.33 -16.12
N ILE B 12 -19.58 8.78 -16.58
CA ILE B 12 -18.89 9.28 -17.78
C ILE B 12 -18.78 8.12 -18.74
N GLY B 13 -19.37 8.28 -19.92
CA GLY B 13 -19.39 7.18 -20.89
C GLY B 13 -19.78 5.85 -20.29
N LYS B 14 -20.82 5.84 -19.44
CA LYS B 14 -21.36 4.65 -18.77
C LYS B 14 -20.41 4.03 -17.75
N VAL B 15 -19.38 4.76 -17.31
CA VAL B 15 -18.52 4.33 -16.22
C VAL B 15 -18.80 5.22 -15.02
N ASN B 16 -19.00 4.62 -13.85
CA ASN B 16 -19.22 5.40 -12.64
C ASN B 16 -17.89 5.66 -11.94
N ILE B 17 -17.67 6.91 -11.54
CA ILE B 17 -16.49 7.32 -10.78
C ILE B 17 -16.95 8.14 -9.59
N GLY B 18 -16.49 7.77 -8.40
CA GLY B 18 -16.77 8.48 -7.18
C GLY B 18 -17.72 7.70 -6.28
N GLY B 19 -17.85 8.21 -5.06
CA GLY B 19 -18.63 7.50 -4.07
C GLY B 19 -17.89 7.31 -2.76
N GLU B 20 -18.05 6.15 -2.16
CA GLU B 20 -17.59 5.83 -0.82
C GLU B 20 -16.51 4.74 -0.89
N PRO B 21 -15.59 4.70 0.08
CA PRO B 21 -14.67 3.57 0.18
C PRO B 21 -15.40 2.23 0.23
N GLY B 22 -14.87 1.24 -0.47
CA GLY B 22 -15.44 -0.09 -0.47
C GLY B 22 -16.72 -0.23 -1.29
N ASP B 23 -17.68 0.67 -1.06
CA ASP B 23 -19.00 0.54 -1.66
C ASP B 23 -18.95 0.81 -3.17
N ASN B 24 -18.22 1.84 -3.58
CA ASN B 24 -18.14 2.25 -4.98
C ASN B 24 -16.75 1.94 -5.51
N PRO B 25 -16.61 1.07 -6.52
CA PRO B 25 -15.27 0.59 -6.91
C PRO B 25 -14.32 1.69 -7.31
N THR B 26 -13.08 1.59 -6.83
CA THR B 26 -12.02 2.47 -7.28
C THR B 26 -11.82 2.35 -8.78
N VAL B 27 -11.66 3.49 -9.45
CA VAL B 27 -11.42 3.53 -10.89
C VAL B 27 -9.92 3.65 -11.13
N LEU B 28 -9.36 2.82 -12.01
CA LEU B 28 -7.93 2.81 -12.25
C LEU B 28 -7.65 3.29 -13.67
N ILE B 29 -6.69 4.21 -13.80
CA ILE B 29 -6.45 4.89 -15.08
C ILE B 29 -4.98 4.72 -15.45
N GLY B 30 -4.72 3.95 -16.50
CA GLY B 30 -3.37 3.65 -16.94
C GLY B 30 -3.00 4.44 -18.17
N SER B 31 -1.80 5.03 -18.14
CA SER B 31 -1.31 5.87 -19.23
C SER B 31 -0.64 5.04 -20.33
N ILE B 32 -0.84 5.48 -21.57
CA ILE B 32 -0.28 4.83 -22.74
C ILE B 32 0.28 5.92 -23.66
N PHE B 33 1.35 5.58 -24.38
CA PHE B 33 2.10 6.53 -25.21
C PHE B 33 2.72 7.66 -24.40
N TYR B 34 2.97 7.41 -23.11
CA TYR B 34 3.65 8.36 -22.26
C TYR B 34 5.07 8.60 -22.77
N GLY B 35 5.73 9.60 -22.21
CA GLY B 35 7.09 9.93 -22.62
C GLY B 35 8.01 8.73 -22.54
N LYS B 36 8.74 8.46 -23.62
CA LYS B 36 9.70 7.36 -23.75
C LYS B 36 9.05 5.99 -23.71
N HIS B 37 7.73 5.89 -23.92
CA HIS B 37 7.09 4.58 -24.01
C HIS B 37 7.74 3.77 -25.12
N LYS B 38 8.24 2.57 -24.78
CA LYS B 38 9.04 1.81 -25.73
C LYS B 38 8.21 1.23 -26.88
N ILE B 39 6.88 1.18 -26.78
CA ILE B 39 6.09 0.79 -27.94
C ILE B 39 5.96 1.91 -28.96
N VAL B 40 6.42 3.11 -28.63
CA VAL B 40 6.32 4.26 -29.53
C VAL B 40 7.64 4.39 -30.29
N GLU B 41 7.56 4.31 -31.62
CA GLU B 41 8.74 4.44 -32.48
C GLU B 41 9.10 5.91 -32.70
N ASP B 42 8.10 6.79 -32.81
CA ASP B 42 8.36 8.20 -33.09
C ASP B 42 7.26 9.00 -32.38
N GLU B 43 7.62 9.73 -31.31
CA GLU B 43 6.62 10.44 -30.51
C GLU B 43 6.08 11.68 -31.20
N LYS B 44 6.86 12.29 -32.10
CA LYS B 44 6.39 13.47 -32.79
C LYS B 44 5.32 13.12 -33.81
N LYS B 45 5.59 12.08 -34.62
CA LYS B 45 4.61 11.64 -35.61
C LYS B 45 3.57 10.72 -35.01
N GLY B 46 3.83 10.16 -33.84
CA GLY B 46 2.89 9.24 -33.20
C GLY B 46 2.84 7.87 -33.86
N ILE B 47 3.99 7.33 -34.25
CA ILE B 47 4.09 6.02 -34.88
C ILE B 47 4.37 5.00 -33.79
N PHE B 48 3.56 3.94 -33.72
CA PHE B 48 3.64 3.03 -32.59
C PHE B 48 3.24 1.63 -33.00
N ASP B 49 3.59 0.65 -32.15
CA ASP B 49 3.24 -0.75 -32.38
C ASP B 49 1.79 -0.96 -31.99
N LYS B 50 0.91 -1.08 -33.00
CA LYS B 50 -0.52 -1.15 -32.72
C LYS B 50 -0.89 -2.47 -32.06
N GLU B 51 -0.20 -3.54 -32.41
CA GLU B 51 -0.48 -4.84 -31.78
C GLU B 51 -0.20 -4.78 -30.28
N LYS B 52 0.96 -4.24 -29.90
CA LYS B 52 1.33 -4.14 -28.49
C LYS B 52 0.44 -3.16 -27.75
N ALA B 53 0.12 -2.02 -28.38
CA ALA B 53 -0.79 -1.06 -27.74
C ALA B 53 -2.16 -1.67 -27.48
N GLU B 54 -2.71 -2.40 -28.45
CA GLU B 54 -4.02 -3.01 -28.25
C GLU B 54 -4.00 -4.02 -27.11
N LYS B 55 -2.96 -4.84 -27.07
CA LYS B 55 -2.82 -5.83 -26.01
C LYS B 55 -2.78 -5.18 -24.63
N LEU B 56 -2.03 -4.09 -24.49
CA LEU B 56 -1.98 -3.37 -23.22
C LEU B 56 -3.37 -2.91 -22.80
N ILE B 57 -4.14 -2.35 -23.74
CA ILE B 57 -5.48 -1.87 -23.43
C ILE B 57 -6.40 -3.03 -23.04
N LYS B 58 -6.33 -4.13 -23.81
CA LYS B 58 -7.22 -5.24 -23.54
C LYS B 58 -6.82 -5.98 -22.26
N GLU B 59 -5.53 -6.01 -21.92
CA GLU B 59 -5.13 -6.64 -20.67
C GLU B 59 -5.67 -5.86 -19.47
N GLN B 60 -5.67 -4.53 -19.54
CA GLN B 60 -6.26 -3.78 -18.45
C GLN B 60 -7.76 -4.01 -18.38
N GLU B 61 -8.42 -4.11 -19.54
CA GLU B 61 -9.86 -4.34 -19.54
C GLU B 61 -10.20 -5.73 -19.02
N GLU B 62 -9.38 -6.75 -19.33
CA GLU B 62 -9.61 -8.07 -18.73
C GLU B 62 -9.56 -8.03 -17.22
N LEU B 63 -8.55 -7.35 -16.66
CA LEU B 63 -8.43 -7.23 -15.21
C LEU B 63 -9.63 -6.50 -14.63
N SER B 64 -10.07 -5.43 -15.32
CA SER B 64 -11.23 -4.65 -14.90
C SER B 64 -12.49 -5.49 -14.85
N ASP B 65 -12.73 -6.29 -15.90
CA ASP B 65 -13.90 -7.15 -15.92
C ASP B 65 -13.87 -8.17 -14.79
N LYS B 66 -12.68 -8.63 -14.41
CA LYS B 66 -12.54 -9.62 -13.35
C LYS B 66 -12.77 -9.01 -11.96
N THR B 67 -12.16 -7.84 -11.70
CA THR B 67 -12.25 -7.24 -10.37
C THR B 67 -13.51 -6.40 -10.17
N GLY B 68 -14.08 -5.85 -11.23
CA GLY B 68 -15.12 -4.86 -11.07
C GLY B 68 -14.60 -3.45 -10.88
N ASN B 69 -13.28 -3.25 -10.90
CA ASN B 69 -12.67 -1.92 -10.87
C ASN B 69 -12.60 -1.39 -12.28
N PRO B 70 -13.32 -0.32 -12.64
CA PRO B 70 -13.27 0.18 -14.01
C PRO B 70 -11.85 0.56 -14.39
N GLY B 71 -11.43 0.12 -15.58
CA GLY B 71 -10.11 0.45 -16.08
C GLY B 71 -10.17 1.36 -17.27
N LEU B 72 -9.59 2.56 -17.17
CA LEU B 72 -9.62 3.54 -18.26
C LEU B 72 -8.20 3.80 -18.73
N VAL B 73 -8.11 4.30 -19.96
CA VAL B 73 -6.84 4.64 -20.60
C VAL B 73 -6.62 6.14 -20.50
N ASP B 74 -5.39 6.53 -20.15
CA ASP B 74 -4.95 7.92 -20.20
C ASP B 74 -4.02 8.08 -21.41
N VAL B 75 -4.52 8.75 -22.44
CA VAL B 75 -3.82 8.86 -23.72
C VAL B 75 -2.90 10.07 -23.68
N VAL B 76 -1.58 9.84 -23.66
CA VAL B 76 -0.58 10.91 -23.64
C VAL B 76 -0.17 11.26 -25.06
N GLY B 77 -0.02 12.55 -25.32
CA GLY B 77 0.46 13.01 -26.61
C GLY B 77 1.54 14.06 -26.44
N MET B 78 2.61 13.91 -27.23
CA MET B 78 3.72 14.83 -27.23
C MET B 78 3.68 15.75 -28.44
N SER B 79 2.68 15.58 -29.30
CA SER B 79 2.43 16.49 -30.40
C SER B 79 0.96 16.41 -30.76
N GLU B 80 0.50 17.44 -31.47
CA GLU B 80 -0.88 17.47 -31.95
C GLU B 80 -1.17 16.31 -32.87
N GLU B 81 -0.28 16.06 -33.84
CA GLU B 81 -0.55 15.01 -34.81
C GLU B 81 -0.49 13.64 -34.16
N ALA B 82 0.40 13.45 -33.17
CA ALA B 82 0.45 12.17 -32.47
C ALA B 82 -0.84 11.91 -31.70
N ILE B 83 -1.33 12.90 -30.95
CA ILE B 83 -2.45 12.60 -30.05
C ILE B 83 -3.72 12.32 -30.86
N ARG B 84 -3.88 12.97 -32.02
CA ARG B 84 -4.98 12.66 -32.92
C ARG B 84 -5.00 11.18 -33.31
N GLY B 85 -3.86 10.66 -33.78
CA GLY B 85 -3.81 9.26 -34.13
C GLY B 85 -3.98 8.34 -32.94
N TYR B 86 -3.49 8.74 -31.76
CA TYR B 86 -3.66 7.90 -30.57
C TYR B 86 -5.13 7.82 -30.19
N MET B 87 -5.82 8.97 -30.19
CA MET B 87 -7.25 8.98 -29.90
C MET B 87 -8.03 8.11 -30.87
N GLU B 88 -7.73 8.22 -32.17
CA GLU B 88 -8.45 7.39 -33.13
C GLU B 88 -8.23 5.90 -32.84
N PHE B 89 -7.00 5.54 -32.50
CA PHE B 89 -6.71 4.13 -32.19
C PHE B 89 -7.45 3.67 -30.94
N VAL B 90 -7.32 4.42 -29.83
CA VAL B 90 -7.95 3.99 -28.58
C VAL B 90 -9.46 3.89 -28.76
N ALA B 91 -10.05 4.86 -29.44
CA ALA B 91 -11.49 4.82 -29.65
C ALA B 91 -11.91 3.65 -30.53
N ASP B 92 -11.00 3.13 -31.36
CA ASP B 92 -11.29 1.94 -32.16
C ASP B 92 -11.20 0.66 -31.34
N VAL B 93 -10.33 0.64 -30.32
CA VAL B 93 -10.05 -0.55 -29.55
C VAL B 93 -11.07 -0.76 -28.44
N THR B 94 -11.63 0.31 -27.88
CA THR B 94 -12.53 0.19 -26.74
C THR B 94 -13.67 1.19 -26.84
N ASP B 95 -14.78 0.85 -26.19
CA ASP B 95 -15.93 1.74 -26.01
C ASP B 95 -15.82 2.60 -24.75
N LYS B 96 -14.85 2.34 -23.88
CA LYS B 96 -14.75 3.05 -22.62
C LYS B 96 -14.36 4.51 -22.84
N PRO B 97 -14.75 5.40 -21.93
CA PRO B 97 -14.22 6.77 -21.97
C PRO B 97 -12.74 6.73 -21.71
N PHE B 98 -12.03 7.74 -22.20
CA PHE B 98 -10.59 7.81 -21.95
C PHE B 98 -10.17 9.26 -21.74
N LEU B 99 -8.99 9.44 -21.13
CA LEU B 99 -8.46 10.75 -20.84
C LEU B 99 -7.51 11.15 -21.96
N VAL B 100 -7.48 12.44 -22.29
CA VAL B 100 -6.46 13.01 -23.17
C VAL B 100 -5.53 13.84 -22.31
N ASP B 101 -4.23 13.58 -22.41
CA ASP B 101 -3.26 13.98 -21.40
C ASP B 101 -2.09 14.65 -22.10
N SER B 102 -1.88 15.93 -21.80
CA SER B 102 -0.64 16.60 -22.22
C SER B 102 -0.41 17.76 -21.26
N ALA B 103 0.87 18.01 -20.96
CA ALA B 103 1.21 19.22 -20.23
C ALA B 103 1.02 20.47 -21.09
N ILE B 104 0.89 20.30 -22.40
CA ILE B 104 0.91 21.39 -23.36
C ILE B 104 -0.54 21.76 -23.71
N ALA B 105 -0.91 23.00 -23.44
CA ALA B 105 -2.28 23.43 -23.67
C ALA B 105 -2.69 23.24 -25.13
N ASP B 106 -1.81 23.61 -26.07
CA ASP B 106 -2.18 23.48 -27.49
C ASP B 106 -2.44 22.04 -27.89
N ILE B 107 -1.78 21.07 -27.24
CA ILE B 107 -2.02 19.68 -27.60
C ILE B 107 -3.36 19.21 -27.07
N LYS B 108 -3.71 19.60 -25.84
CA LYS B 108 -5.04 19.26 -25.32
C LYS B 108 -6.14 19.93 -26.12
N ILE B 109 -5.93 21.18 -26.56
CA ILE B 109 -6.93 21.86 -27.37
C ILE B 109 -7.09 21.16 -28.71
N ALA B 110 -5.98 20.68 -29.29
CA ALA B 110 -6.06 19.89 -30.52
C ALA B 110 -6.82 18.60 -30.31
N ALA B 111 -6.68 17.98 -29.13
CA ALA B 111 -7.45 16.79 -28.80
C ALA B 111 -8.95 17.11 -28.72
N VAL B 112 -9.29 18.24 -28.10
CA VAL B 112 -10.69 18.67 -28.04
C VAL B 112 -11.24 18.83 -29.46
N GLU B 113 -10.49 19.54 -30.31
CA GLU B 113 -10.97 19.81 -31.66
C GLU B 113 -11.08 18.52 -32.47
N TYR B 114 -10.15 17.57 -32.29
CA TYR B 114 -10.27 16.30 -32.99
C TYR B 114 -11.48 15.51 -32.49
N ALA B 115 -11.76 15.58 -31.18
CA ALA B 115 -12.94 14.91 -30.63
C ALA B 115 -14.22 15.46 -31.28
N LYS B 116 -14.26 16.77 -31.54
CA LYS B 116 -15.42 17.40 -32.17
C LYS B 116 -15.56 16.94 -33.62
N GLU B 117 -14.42 16.78 -34.31
CA GLU B 117 -14.41 16.43 -35.73
C GLU B 117 -14.83 15.00 -35.98
N VAL B 118 -14.28 14.05 -35.22
CA VAL B 118 -14.60 12.64 -35.48
C VAL B 118 -15.71 12.10 -34.60
N GLY B 119 -16.08 12.79 -33.52
CA GLY B 119 -17.23 12.40 -32.75
C GLY B 119 -16.90 11.60 -31.49
N LEU B 120 -16.12 12.21 -30.60
CA LEU B 120 -15.64 11.55 -29.39
C LEU B 120 -15.90 12.38 -28.14
N GLU B 121 -16.63 13.50 -28.26
CA GLU B 121 -16.65 14.50 -27.20
C GLU B 121 -17.10 13.93 -25.87
N LYS B 122 -18.19 13.16 -25.87
CA LYS B 122 -18.74 12.69 -24.61
C LYS B 122 -18.01 11.47 -24.07
N ARG B 123 -17.00 10.97 -24.78
CA ARG B 123 -16.13 9.90 -24.30
C ARG B 123 -14.81 10.42 -23.73
N ILE B 124 -14.53 11.72 -23.87
CA ILE B 124 -13.24 12.35 -23.56
C ILE B 124 -13.26 12.93 -22.16
N ILE B 125 -12.17 12.72 -21.41
CA ILE B 125 -11.93 13.39 -20.13
C ILE B 125 -10.66 14.23 -20.31
N TYR B 126 -10.80 15.54 -20.20
CA TYR B 126 -9.69 16.48 -20.38
C TYR B 126 -8.74 16.43 -19.17
N ASN B 127 -7.48 16.05 -19.40
CA ASN B 127 -6.50 15.86 -18.31
C ASN B 127 -5.28 16.75 -18.58
N SER B 128 -5.22 17.93 -17.97
CA SER B 128 -6.12 18.44 -16.93
C SER B 128 -6.35 19.96 -17.02
N ILE B 129 -7.25 20.45 -16.18
CA ILE B 129 -7.46 21.87 -15.97
C ILE B 129 -6.85 22.21 -14.61
N SER B 130 -6.08 23.29 -14.54
CA SER B 130 -5.41 23.70 -13.31
C SER B 130 -5.63 25.20 -13.10
N PRO B 131 -5.25 25.74 -11.94
CA PRO B 131 -5.31 27.20 -11.78
C PRO B 131 -4.51 27.94 -12.84
N GLU B 132 -3.54 27.28 -13.46
CA GLU B 132 -2.71 27.89 -14.50
C GLU B 132 -3.26 27.68 -15.90
N SER B 133 -4.43 27.07 -16.06
CA SER B 133 -4.95 26.81 -17.40
C SER B 133 -5.20 28.11 -18.14
N LYS B 134 -4.89 28.11 -19.44
CA LYS B 134 -5.11 29.27 -20.29
C LYS B 134 -6.58 29.44 -20.64
N ASP B 135 -6.99 30.70 -20.84
CA ASP B 135 -8.35 31.01 -21.27
C ASP B 135 -8.74 30.26 -22.54
N LYS B 136 -7.81 30.08 -23.47
CA LYS B 136 -8.12 29.34 -24.69
C LYS B 136 -8.45 27.87 -24.42
N GLU B 137 -7.89 27.28 -23.37
CA GLU B 137 -8.33 25.95 -22.97
C GLU B 137 -9.79 25.96 -22.55
N ILE B 138 -10.16 26.94 -21.71
CA ILE B 138 -11.52 27.05 -21.21
C ILE B 138 -12.48 27.33 -22.38
N GLU B 139 -12.04 28.17 -23.33
CA GLU B 139 -12.87 28.48 -24.50
C GLU B 139 -13.06 27.24 -25.37
N ALA B 140 -11.98 26.49 -25.64
CA ALA B 140 -12.11 25.29 -26.44
C ALA B 140 -13.11 24.30 -25.82
N LEU B 141 -13.07 24.16 -24.49
CA LEU B 141 -14.00 23.26 -23.81
C LEU B 141 -15.43 23.81 -23.83
N LYS B 142 -15.57 25.12 -23.60
CA LYS B 142 -16.89 25.73 -23.68
C LYS B 142 -17.54 25.48 -25.03
N ASN B 143 -16.75 25.55 -26.11
CA ASN B 143 -17.26 25.27 -27.45
C ASN B 143 -17.21 23.80 -27.79
N SER B 144 -17.61 22.97 -26.85
CA SER B 144 -17.61 21.53 -27.04
C SER B 144 -18.64 20.94 -26.10
N ASN B 145 -19.04 19.70 -26.37
CA ASN B 145 -19.87 18.95 -25.44
C ASN B 145 -19.05 18.04 -24.53
N ILE B 146 -17.75 18.30 -24.39
CA ILE B 146 -16.97 17.56 -23.41
C ILE B 146 -17.43 17.95 -22.01
N GLU B 147 -17.82 16.95 -21.23
CA GLU B 147 -18.45 17.18 -19.93
C GLU B 147 -17.52 16.96 -18.75
N ALA B 148 -16.41 16.27 -18.96
CA ALA B 148 -15.64 15.70 -17.85
C ALA B 148 -14.19 16.15 -17.99
N ALA B 149 -13.57 16.50 -16.87
CA ALA B 149 -12.18 16.91 -16.89
C ALA B 149 -11.54 16.54 -15.57
N VAL B 150 -10.25 16.24 -15.61
CA VAL B 150 -9.46 16.13 -14.40
C VAL B 150 -9.08 17.55 -13.98
N VAL B 151 -9.34 17.89 -12.72
CA VAL B 151 -8.89 19.16 -12.16
C VAL B 151 -7.61 18.86 -11.38
N LEU B 152 -6.50 19.48 -11.80
CA LEU B 152 -5.23 19.33 -11.11
C LEU B 152 -5.14 20.39 -10.01
N ALA B 153 -5.16 19.96 -8.74
CA ALA B 153 -5.09 20.91 -7.63
C ALA B 153 -3.64 21.33 -7.37
N TYR B 154 -3.03 21.92 -8.40
CA TYR B 154 -1.62 22.26 -8.38
C TYR B 154 -1.29 23.32 -7.33
N THR B 155 -0.18 23.12 -6.62
CA THR B 155 0.35 24.10 -5.67
C THR B 155 1.84 23.89 -5.47
N PHE B 156 2.58 25.00 -5.30
CA PHE B 156 3.99 24.91 -4.92
C PHE B 156 4.16 24.34 -3.51
N ASN B 157 3.13 24.46 -2.68
CA ASN B 157 3.22 24.15 -1.25
C ASN B 157 2.85 22.68 -1.09
N VAL B 158 3.82 21.80 -1.35
CA VAL B 158 3.48 20.41 -1.60
C VAL B 158 3.01 19.66 -0.36
N THR B 159 3.28 20.18 0.86
CA THR B 159 2.81 19.49 2.07
C THR B 159 1.51 20.07 2.63
N SER B 160 0.89 21.02 1.94
CA SER B 160 -0.34 21.65 2.41
C SER B 160 -1.57 21.07 1.71
N SER B 161 -2.48 20.48 2.48
CA SER B 161 -3.74 20.05 1.87
C SER B 161 -4.65 21.24 1.59
N LYS B 162 -4.59 22.28 2.43
CA LYS B 162 -5.46 23.43 2.21
C LYS B 162 -5.10 24.16 0.92
N ALA B 163 -3.81 24.21 0.58
CA ALA B 163 -3.39 24.83 -0.68
C ALA B 163 -3.98 24.10 -1.89
N ARG B 164 -4.26 22.81 -1.75
CA ARG B 164 -4.88 22.08 -2.86
C ARG B 164 -6.36 22.40 -2.95
N ILE B 165 -7.03 22.58 -1.80
CA ILE B 165 -8.42 23.02 -1.81
C ILE B 165 -8.53 24.42 -2.43
N ASP B 166 -7.60 25.32 -2.07
CA ASP B 166 -7.56 26.64 -2.68
C ASP B 166 -7.40 26.55 -4.19
N ALA B 167 -6.48 25.68 -4.65
CA ALA B 167 -6.29 25.48 -6.08
C ALA B 167 -7.58 25.01 -6.73
N LEU B 168 -8.28 24.06 -6.10
CA LEU B 168 -9.55 23.59 -6.65
C LEU B 168 -10.54 24.74 -6.77
N GLU B 169 -10.62 25.58 -5.74
CA GLU B 169 -11.59 26.65 -5.73
C GLU B 169 -11.25 27.73 -6.75
N LYS B 170 -9.99 27.84 -7.16
CA LYS B 170 -9.65 28.72 -8.27
C LYS B 170 -10.12 28.15 -9.61
N VAL B 171 -10.18 26.83 -9.73
CA VAL B 171 -10.60 26.22 -11.00
C VAL B 171 -12.13 26.18 -11.12
N LEU B 172 -12.84 26.16 -10.00
CA LEU B 172 -14.29 25.96 -10.04
C LEU B 172 -15.03 26.91 -10.99
N PRO B 173 -14.77 28.23 -11.03
CA PRO B 173 -15.45 29.06 -12.03
C PRO B 173 -14.99 28.80 -13.46
N LYS B 174 -13.77 28.29 -13.66
CA LYS B 174 -13.37 27.88 -15.00
C LYS B 174 -14.19 26.68 -15.48
N LEU B 175 -14.57 25.79 -14.56
CA LEU B 175 -15.41 24.64 -14.90
C LEU B 175 -16.80 25.07 -15.34
N GLU B 176 -17.41 26.01 -14.61
CA GLU B 176 -18.70 26.53 -15.01
C GLU B 176 -18.65 27.13 -16.40
N GLU B 177 -17.66 27.99 -16.66
CA GLU B 177 -17.48 28.59 -17.98
C GLU B 177 -17.29 27.54 -19.07
N ALA B 178 -16.52 26.48 -18.79
CA ALA B 178 -16.25 25.47 -19.81
C ALA B 178 -17.36 24.45 -19.95
N GLY B 179 -18.40 24.49 -19.11
CA GLY B 179 -19.40 23.45 -19.17
C GLY B 179 -18.95 22.11 -18.64
N ILE B 180 -17.94 22.07 -17.77
CA ILE B 180 -17.54 20.82 -17.13
C ILE B 180 -18.43 20.58 -15.91
N THR B 181 -19.28 19.57 -15.99
CA THR B 181 -20.18 19.18 -14.92
C THR B 181 -19.74 17.93 -14.16
N LYS B 182 -18.68 17.26 -14.61
CA LYS B 182 -18.19 16.03 -13.99
C LYS B 182 -16.69 16.16 -13.74
N PRO B 183 -16.28 16.98 -12.76
CA PRO B 183 -14.86 17.09 -12.44
C PRO B 183 -14.36 15.91 -11.61
N LEU B 184 -13.16 15.47 -11.94
CA LEU B 184 -12.41 14.46 -11.20
C LEU B 184 -11.20 15.19 -10.64
N ILE B 185 -11.07 15.25 -9.32
CA ILE B 185 -10.03 16.10 -8.73
C ILE B 185 -8.77 15.26 -8.55
N ASP B 186 -7.74 15.61 -9.30
CA ASP B 186 -6.38 15.11 -9.07
C ASP B 186 -5.77 15.94 -7.95
N THR B 187 -5.65 15.36 -6.76
CA THR B 187 -5.21 16.13 -5.60
C THR B 187 -3.70 16.34 -5.58
N PHE B 188 -3.00 15.93 -6.63
CA PHE B 188 -1.67 16.41 -7.01
C PHE B 188 -0.59 15.85 -6.10
N VAL B 189 0.06 14.79 -6.56
CA VAL B 189 1.22 14.23 -5.90
C VAL B 189 2.42 14.56 -6.76
N MET B 190 3.35 15.35 -6.20
CA MET B 190 4.57 15.73 -6.90
C MET B 190 5.76 14.90 -6.48
N ASP B 191 5.87 14.61 -5.20
CA ASP B 191 7.03 13.96 -4.62
C ASP B 191 6.55 13.17 -3.42
N VAL B 192 7.47 12.49 -2.75
CA VAL B 192 7.10 11.67 -1.60
C VAL B 192 6.44 12.48 -0.49
N PRO B 193 6.98 13.62 -0.06
CA PRO B 193 6.29 14.39 0.98
C PRO B 193 4.90 14.87 0.59
N SER B 194 4.56 14.95 -0.70
CA SER B 194 3.20 15.34 -1.05
C SER B 194 2.18 14.22 -0.80
N LEU B 195 2.62 12.96 -0.67
CA LEU B 195 1.68 11.86 -0.56
C LEU B 195 0.66 12.05 0.55
N PRO B 196 1.02 12.37 1.80
CA PRO B 196 -0.01 12.53 2.83
C PRO B 196 -0.85 13.77 2.65
N ALA B 197 -0.27 14.85 2.11
CA ALA B 197 -1.02 16.08 1.90
C ALA B 197 -2.07 15.91 0.81
N ALA B 198 -1.71 15.22 -0.28
CA ALA B 198 -2.67 14.96 -1.33
C ALA B 198 -3.81 14.07 -0.84
N ALA B 199 -3.48 13.05 -0.04
CA ALA B 199 -4.52 12.19 0.52
C ALA B 199 -5.44 12.98 1.44
N LYS B 200 -4.88 13.87 2.25
CA LYS B 200 -5.69 14.66 3.17
C LYS B 200 -6.59 15.63 2.40
N ALA B 201 -6.04 16.25 1.34
CA ALA B 201 -6.85 17.13 0.50
C ALA B 201 -8.03 16.38 -0.11
N ALA B 202 -7.80 15.15 -0.58
CA ALA B 202 -8.90 14.32 -1.07
C ALA B 202 -9.99 14.14 -0.02
N MET B 203 -9.61 13.83 1.22
CA MET B 203 -10.62 13.67 2.26
C MET B 203 -11.36 14.97 2.51
N GLU B 204 -10.66 16.11 2.51
CA GLU B 204 -11.32 17.39 2.77
C GLU B 204 -12.19 17.80 1.58
N ILE B 205 -11.77 17.48 0.35
CA ILE B 205 -12.58 17.85 -0.81
C ILE B 205 -13.82 16.97 -0.90
N LYS B 206 -13.67 15.68 -0.61
CA LYS B 206 -14.83 14.79 -0.54
C LYS B 206 -15.83 15.29 0.50
N LYS B 207 -15.33 15.73 1.66
CA LYS B 207 -16.21 16.24 2.71
C LYS B 207 -16.92 17.53 2.28
N LYS B 208 -16.19 18.43 1.63
CA LYS B 208 -16.73 19.75 1.33
C LYS B 208 -17.57 19.76 0.06
N TYR B 209 -17.16 19.02 -0.97
CA TYR B 209 -17.80 19.04 -2.27
C TYR B 209 -18.36 17.69 -2.74
N GLY B 210 -17.83 16.58 -2.24
CA GLY B 210 -18.28 15.27 -2.70
C GLY B 210 -17.77 14.86 -4.06
N PHE B 211 -16.84 15.61 -4.66
CA PHE B 211 -16.29 15.25 -5.96
C PHE B 211 -15.44 13.99 -5.86
N PRO B 212 -15.32 13.22 -6.96
CA PRO B 212 -14.38 12.09 -6.96
C PRO B 212 -12.96 12.63 -6.94
N CYS B 213 -12.10 12.02 -6.13
CA CYS B 213 -10.74 12.48 -5.94
C CYS B 213 -9.76 11.34 -6.13
N GLY B 214 -8.57 11.70 -6.56
CA GLY B 214 -7.52 10.72 -6.77
C GLY B 214 -6.24 11.45 -7.11
N SER B 215 -5.22 10.68 -7.48
CA SER B 215 -3.94 11.27 -7.86
C SER B 215 -3.12 10.14 -8.50
N GLY B 216 -1.87 10.44 -8.82
CA GLY B 216 -0.92 9.38 -9.18
C GLY B 216 0.49 9.69 -8.72
N ALA B 217 1.21 8.64 -8.31
CA ALA B 217 2.52 8.84 -7.70
C ALA B 217 3.68 8.22 -8.46
N HIS B 218 3.46 7.60 -9.61
CA HIS B 218 4.58 7.14 -10.43
C HIS B 218 5.70 8.18 -10.43
N ASN B 219 5.34 9.38 -10.87
CA ASN B 219 5.92 10.68 -10.54
C ASN B 219 6.78 10.75 -9.28
N ALA B 220 6.13 10.62 -8.12
CA ALA B 220 6.82 10.80 -6.84
C ALA B 220 7.96 9.79 -6.65
N ILE B 221 7.82 8.59 -7.19
CA ILE B 221 8.93 7.64 -7.09
C ILE B 221 9.98 7.93 -8.16
N ALA B 222 9.54 8.26 -9.37
CA ALA B 222 10.47 8.66 -10.42
C ALA B 222 11.27 9.90 -10.03
N SER B 223 10.70 10.82 -9.26
CA SER B 223 11.44 12.01 -8.90
C SER B 223 12.29 11.84 -7.65
N TRP B 224 12.25 10.67 -7.01
CA TRP B 224 12.89 10.43 -5.71
C TRP B 224 14.40 10.27 -5.92
N LYS B 225 15.15 11.35 -5.75
CA LYS B 225 16.58 11.32 -5.98
C LYS B 225 17.27 10.28 -5.08
N GLY B 226 18.08 9.43 -5.70
CA GLY B 226 18.83 8.42 -4.97
C GLY B 226 18.11 7.11 -4.73
N PHE B 227 16.78 7.07 -4.94
CA PHE B 227 16.03 5.84 -4.68
C PHE B 227 16.55 4.68 -5.49
N LYS B 228 16.48 4.80 -6.83
CA LYS B 228 16.87 3.70 -7.70
C LYS B 228 18.37 3.43 -7.59
N ASN B 229 19.18 4.49 -7.43
CA ASN B 229 20.61 4.31 -7.30
C ASN B 229 20.93 3.38 -6.14
N MET B 230 20.12 3.42 -5.09
CA MET B 230 20.31 2.67 -3.86
C MET B 230 19.66 1.29 -3.90
N LEU B 231 18.38 1.25 -4.26
CA LEU B 231 17.56 0.06 -4.10
C LEU B 231 17.43 -0.73 -5.39
N GLY B 232 17.72 -0.11 -6.53
CA GLY B 232 17.64 -0.76 -7.82
C GLY B 232 16.32 -0.49 -8.51
N LYS B 233 16.30 -0.86 -9.79
CA LYS B 233 15.16 -0.62 -10.67
C LYS B 233 13.92 -1.40 -10.23
N GLU B 234 14.10 -2.69 -9.92
CA GLU B 234 12.95 -3.52 -9.60
C GLU B 234 12.23 -3.03 -8.36
N ALA B 235 12.97 -2.42 -7.43
CA ALA B 235 12.40 -1.89 -6.21
C ALA B 235 11.43 -0.74 -6.46
N GLU B 236 11.50 -0.07 -7.62
CA GLU B 236 10.51 0.96 -7.93
C GLU B 236 9.11 0.38 -8.04
N LYS B 237 8.98 -0.89 -8.42
CA LYS B 237 7.64 -1.42 -8.64
C LYS B 237 6.84 -1.49 -7.33
N PRO B 238 7.32 -2.11 -6.26
CA PRO B 238 6.55 -2.06 -5.00
C PRO B 238 6.42 -0.65 -4.45
N ALA B 239 7.44 0.20 -4.63
CA ALA B 239 7.35 1.56 -4.12
C ALA B 239 6.27 2.35 -4.84
N VAL B 240 6.23 2.24 -6.18
CA VAL B 240 5.20 2.92 -6.97
C VAL B 240 3.83 2.37 -6.62
N LEU B 241 3.71 1.05 -6.48
CA LEU B 241 2.43 0.45 -6.10
C LEU B 241 1.94 1.02 -4.78
N MET B 242 2.83 1.08 -3.78
CA MET B 242 2.47 1.66 -2.49
C MET B 242 2.04 3.12 -2.62
N ALA B 243 2.84 3.93 -3.33
CA ALA B 243 2.49 5.33 -3.42
C ALA B 243 1.17 5.53 -4.15
N ASN B 244 0.87 4.66 -5.12
CA ASN B 244 -0.40 4.70 -5.85
C ASN B 244 -1.58 4.29 -4.98
N THR B 245 -1.38 3.41 -4.00
CA THR B 245 -2.52 2.87 -3.27
C THR B 245 -2.71 3.47 -1.90
N LEU B 246 -1.72 4.20 -1.38
CA LEU B 246 -1.91 4.88 -0.10
C LEU B 246 -3.20 5.68 -0.08
N GLN B 247 -3.46 6.41 -1.16
CA GLN B 247 -4.66 7.26 -1.19
C GLN B 247 -5.94 6.44 -1.20
N ILE B 248 -5.89 5.21 -1.72
CA ILE B 248 -7.07 4.35 -1.73
C ILE B 248 -7.33 3.78 -0.35
N VAL B 249 -6.27 3.39 0.38
CA VAL B 249 -6.44 3.05 1.78
C VAL B 249 -7.10 4.21 2.52
N LEU B 250 -6.80 5.45 2.11
CA LEU B 250 -7.31 6.64 2.78
C LEU B 250 -8.56 7.20 2.10
N GLY B 251 -9.24 6.38 1.29
CA GLY B 251 -10.62 6.65 0.93
C GLY B 251 -10.87 7.29 -0.42
N SER B 252 -9.84 7.49 -1.23
CA SER B 252 -10.04 8.17 -2.51
C SER B 252 -10.72 7.26 -3.53
N ASP B 253 -11.03 7.83 -4.70
CA ASP B 253 -11.96 7.30 -5.69
C ASP B 253 -11.28 6.76 -6.95
N PHE B 254 -10.09 7.24 -7.29
CA PHE B 254 -9.45 6.79 -8.52
C PHE B 254 -7.94 6.91 -8.36
N VAL B 255 -7.22 6.20 -9.23
CA VAL B 255 -5.77 6.27 -9.28
C VAL B 255 -5.34 6.50 -10.73
N LEU B 256 -4.58 7.55 -10.97
CA LEU B 256 -3.81 7.70 -12.21
C LEU B 256 -2.48 7.00 -11.96
N TYR B 257 -2.40 5.70 -12.29
CA TYR B 257 -1.32 4.92 -11.69
C TYR B 257 -0.05 4.90 -12.52
N GLY B 258 0.00 5.57 -13.66
CA GLY B 258 1.21 5.59 -14.46
C GLY B 258 1.15 4.64 -15.64
N PRO B 259 2.28 4.05 -16.01
CA PRO B 259 2.32 3.19 -17.21
C PRO B 259 1.29 2.06 -17.13
N ILE B 260 0.53 1.92 -18.23
CA ILE B 260 -0.52 0.91 -18.32
C ILE B 260 0.05 -0.51 -18.15
N GLU B 261 1.35 -0.71 -18.36
CA GLU B 261 1.95 -2.02 -18.09
C GLU B 261 1.71 -2.48 -16.66
N ASP B 262 1.55 -1.53 -15.72
CA ASP B 262 1.42 -1.86 -14.31
C ASP B 262 0.01 -2.30 -13.93
N SER B 263 -0.90 -2.45 -14.89
CA SER B 263 -2.26 -2.86 -14.54
C SER B 263 -2.25 -4.15 -13.72
N LYS B 264 -1.38 -5.11 -14.07
CA LYS B 264 -1.35 -6.39 -13.36
C LYS B 264 -0.90 -6.25 -11.91
N LEU B 265 -0.28 -5.13 -11.54
CA LEU B 265 0.06 -4.87 -10.15
C LEU B 265 -1.05 -4.09 -9.43
N VAL B 266 -1.55 -3.02 -10.07
CA VAL B 266 -2.47 -2.13 -9.37
C VAL B 266 -3.87 -2.75 -9.22
N PHE B 267 -4.34 -3.52 -10.21
CA PHE B 267 -5.71 -4.04 -10.08
C PHE B 267 -5.83 -5.02 -8.91
N PRO B 268 -4.98 -6.04 -8.75
CA PRO B 268 -5.14 -6.92 -7.57
C PRO B 268 -4.98 -6.19 -6.25
N ALA B 269 -4.07 -5.20 -6.19
CA ALA B 269 -3.85 -4.46 -4.96
C ALA B 269 -5.10 -3.66 -4.56
N VAL B 270 -5.64 -2.92 -5.52
CA VAL B 270 -6.78 -2.06 -5.22
C VAL B 270 -8.03 -2.90 -5.00
N PHE B 271 -8.17 -3.98 -5.78
CA PHE B 271 -9.24 -4.95 -5.54
C PHE B 271 -9.22 -5.45 -4.09
N THR B 272 -8.03 -5.67 -3.54
CA THR B 272 -7.92 -6.11 -2.15
C THR B 272 -8.43 -5.04 -1.19
N ILE B 273 -8.01 -3.79 -1.40
CA ILE B 273 -8.43 -2.72 -0.49
C ILE B 273 -9.93 -2.52 -0.57
N ASP B 274 -10.48 -2.42 -1.80
CA ASP B 274 -11.91 -2.22 -1.99
C ASP B 274 -12.69 -3.34 -1.31
N THR B 275 -12.25 -4.57 -1.51
CA THR B 275 -12.92 -5.73 -0.90
C THR B 275 -12.89 -5.63 0.62
N ALA B 276 -11.73 -5.30 1.19
CA ALA B 276 -11.62 -5.12 2.64
C ALA B 276 -12.64 -4.11 3.15
N TYR B 277 -12.74 -2.96 2.48
CA TYR B 277 -13.66 -1.93 2.95
C TYR B 277 -15.11 -2.30 2.68
N ARG B 278 -15.38 -3.00 1.58
CA ARG B 278 -16.75 -3.36 1.24
C ARG B 278 -17.37 -4.28 2.27
N TYR B 279 -16.61 -5.30 2.69
CA TYR B 279 -17.09 -6.36 3.58
C TYR B 279 -16.83 -6.09 5.06
#